data_8GT6
#
_entry.id   8GT6
#
loop_
_entity.id
_entity.type
_entity.pdbx_description
1 polymer 'Stimulator of interferon genes protein'
2 non-polymer 1-[(2E)-4-{5-carbamoyl-2-[(1-ethyl-3-methyl-1H-pyrazole-5-carbonyl)amino]-7-[3-(morpholin-4-yl)propoxy]-1H-benzimidazol-1-yl}but-2-en-1-yl]-2-[(1-ethyl-3-methyl-1H-pyrazole-5-carbonyl)amino]-7-methyl-1H-furo[3,2-e]benzimidazole-5-carboxamide
#
_entity_poly.entity_id   1
_entity_poly.type   'polypeptide(L)'
_entity_poly.pdbx_seq_one_letter_code
;MPHSSLHPSIPCPRGHGAQKAALVLLSACLVTLWGLGEPPEHTLRYLVLHLASLQLGLLLNGVCSLAEELRHIHSRYRGS
YWRTVRACLGCPLRRGALLLLSIYFYYSLPNAVGPPFTWMLALLGLSQALNILLGLKGLAPAEISAVCEKGNFNVAHGLA
WSYYIGYLRLILPELQARIRTYNQHYNNLLRGAVSQRLYILLPLDCGVPDNLSMADPNIRFLDKLPQQTGDHAGIKDRVY
SNSIYELLENGQRAGTCVLEYATPLQTLFAMSQYSQAGFSREDRLEQAKLFCRTLEDILADAPESQNNCRLIAYQEPADD
SSFSLSQEVLRHLRQEEKEEVTVGSLKTSAVPSTSTMSQEPELLISGMEKPLPLRTDFS
;
_entity_poly.pdbx_strand_id   A,B
#
# COMPACT_ATOMS: atom_id res chain seq x y z
N SER A 5 -9.72 -7.44 -18.05
CA SER A 5 -10.39 -6.98 -19.26
C SER A 5 -9.41 -6.28 -20.19
N LEU A 6 -8.13 -6.31 -19.81
CA LEU A 6 -7.06 -5.71 -20.59
C LEU A 6 -6.07 -6.75 -21.07
N HIS A 7 -5.60 -7.61 -20.16
CA HIS A 7 -4.80 -8.76 -20.51
C HIS A 7 -5.35 -9.94 -19.73
N PRO A 8 -5.28 -11.15 -20.29
CA PRO A 8 -5.77 -12.32 -19.56
C PRO A 8 -4.99 -12.66 -18.29
N SER A 9 -3.80 -12.11 -18.10
CA SER A 9 -3.09 -12.34 -16.85
C SER A 9 -3.37 -11.26 -15.82
N ILE A 10 -4.05 -10.19 -16.20
CA ILE A 10 -4.38 -9.12 -15.26
C ILE A 10 -5.46 -9.62 -14.32
N PRO A 11 -5.22 -9.64 -13.02
CA PRO A 11 -6.21 -10.16 -12.08
C PRO A 11 -7.37 -9.20 -11.92
N CYS A 12 -8.58 -9.74 -11.98
CA CYS A 12 -9.75 -8.94 -11.73
C CYS A 12 -9.86 -8.66 -10.23
N PRO A 13 -10.58 -7.62 -9.84
CA PRO A 13 -10.83 -7.38 -8.41
C PRO A 13 -11.67 -8.47 -7.79
N ARG A 14 -11.64 -8.51 -6.46
CA ARG A 14 -12.36 -9.54 -5.73
C ARG A 14 -13.86 -9.32 -5.82
N GLY A 15 -14.60 -10.44 -5.74
CA GLY A 15 -16.04 -10.40 -5.73
C GLY A 15 -16.61 -10.80 -4.38
N HIS A 16 -17.92 -11.01 -4.37
CA HIS A 16 -18.62 -11.42 -3.16
C HIS A 16 -18.77 -12.93 -3.07
N GLY A 17 -17.85 -13.68 -3.67
CA GLY A 17 -17.88 -15.13 -3.59
C GLY A 17 -17.54 -15.66 -2.20
N ALA A 18 -16.92 -14.85 -1.36
CA ALA A 18 -16.71 -15.25 0.02
C ALA A 18 -18.03 -15.31 0.78
N GLN A 19 -18.85 -14.27 0.62
CA GLN A 19 -20.19 -14.28 1.21
C GLN A 19 -21.10 -15.26 0.49
N LYS A 20 -20.88 -15.48 -0.82
CA LYS A 20 -21.76 -16.34 -1.60
C LYS A 20 -21.63 -17.80 -1.18
N ALA A 21 -20.40 -18.27 -1.05
CA ALA A 21 -20.21 -19.64 -0.60
C ALA A 21 -20.42 -19.82 0.89
N ALA A 22 -20.58 -18.73 1.64
CA ALA A 22 -20.78 -18.85 3.08
C ALA A 22 -22.18 -19.36 3.40
N LEU A 23 -23.19 -18.88 2.67
CA LEU A 23 -24.56 -19.35 2.91
C LEU A 23 -24.76 -20.77 2.43
N VAL A 24 -23.95 -21.22 1.46
CA VAL A 24 -24.07 -22.58 0.97
C VAL A 24 -23.60 -23.56 2.03
N LEU A 25 -22.48 -23.28 2.69
CA LEU A 25 -22.08 -24.11 3.81
C LEU A 25 -22.91 -23.85 5.05
N LEU A 26 -23.62 -22.72 5.09
CA LEU A 26 -24.61 -22.50 6.14
C LEU A 26 -25.83 -23.38 5.91
N SER A 27 -26.34 -23.39 4.68
CA SER A 27 -27.52 -24.19 4.37
C SER A 27 -27.21 -25.68 4.41
N ALA A 28 -25.96 -26.05 4.15
CA ALA A 28 -25.57 -27.44 4.27
C ALA A 28 -25.53 -27.87 5.73
N CYS A 29 -24.90 -27.07 6.58
CA CYS A 29 -24.74 -27.47 7.98
C CYS A 29 -26.02 -27.30 8.77
N LEU A 30 -26.96 -26.49 8.30
CA LEU A 30 -28.21 -26.27 9.03
C LEU A 30 -29.10 -27.50 8.93
N VAL A 31 -29.16 -28.13 7.75
CA VAL A 31 -30.06 -29.28 7.58
C VAL A 31 -29.51 -30.53 8.23
N THR A 32 -28.22 -30.55 8.58
CA THR A 32 -27.71 -31.64 9.40
C THR A 32 -28.26 -31.57 10.82
N LEU A 33 -28.56 -30.36 11.29
CA LEU A 33 -29.22 -30.21 12.58
C LEU A 33 -30.65 -30.74 12.53
N TRP A 34 -31.28 -30.66 11.35
CA TRP A 34 -32.56 -31.32 11.15
C TRP A 34 -32.44 -32.84 11.19
N GLY A 35 -31.25 -33.38 10.91
CA GLY A 35 -31.05 -34.81 11.02
C GLY A 35 -31.20 -35.34 12.43
N LEU A 36 -30.86 -34.53 13.42
CA LEU A 36 -31.21 -34.86 14.80
C LEU A 36 -32.51 -34.16 15.16
N PRO A 40 -33.58 -30.95 18.01
CA PRO A 40 -34.53 -30.42 18.98
C PRO A 40 -34.40 -28.91 19.15
N GLU A 41 -34.38 -28.45 20.40
CA GLU A 41 -34.13 -27.06 20.73
C GLU A 41 -33.00 -26.88 21.72
N HIS A 42 -32.42 -27.97 22.23
CA HIS A 42 -31.40 -27.93 23.26
C HIS A 42 -30.10 -27.29 22.79
N THR A 43 -29.84 -27.30 21.48
CA THR A 43 -28.59 -26.80 20.96
C THR A 43 -28.52 -25.28 20.98
N LEU A 44 -29.66 -24.61 20.86
CA LEU A 44 -29.66 -23.18 20.57
C LEU A 44 -29.18 -22.36 21.75
N ARG A 45 -29.31 -22.87 22.97
CA ARG A 45 -28.70 -22.19 24.10
C ARG A 45 -27.19 -22.40 24.11
N TYR A 46 -26.72 -23.55 23.61
CA TYR A 46 -25.29 -23.79 23.51
C TYR A 46 -24.66 -23.03 22.35
N LEU A 47 -25.45 -22.68 21.34
CA LEU A 47 -24.89 -22.05 20.14
C LEU A 47 -24.43 -20.63 20.44
N VAL A 48 -25.25 -19.86 21.15
CA VAL A 48 -24.90 -18.47 21.41
C VAL A 48 -23.80 -18.40 22.48
N LEU A 49 -23.73 -19.40 23.36
CA LEU A 49 -22.65 -19.46 24.34
C LEU A 49 -21.30 -19.68 23.65
N HIS A 50 -21.27 -20.54 22.64
CA HIS A 50 -20.06 -20.66 21.84
C HIS A 50 -19.84 -19.42 20.99
N LEU A 51 -20.93 -18.82 20.51
CA LEU A 51 -20.82 -17.57 19.76
C LEU A 51 -20.38 -16.43 20.67
N ALA A 52 -20.66 -16.53 21.96
CA ALA A 52 -20.14 -15.54 22.91
C ALA A 52 -18.62 -15.64 23.02
N SER A 53 -18.09 -16.86 23.05
CA SER A 53 -16.67 -17.08 23.30
C SER A 53 -15.81 -16.58 22.16
N LEU A 54 -16.35 -16.54 20.94
CA LEU A 54 -15.64 -15.92 19.84
C LEU A 54 -15.53 -14.42 20.04
N GLN A 55 -16.53 -13.81 20.65
CA GLN A 55 -16.51 -12.36 20.82
C GLN A 55 -15.60 -11.94 21.97
N LEU A 56 -15.61 -12.69 23.06
CA LEU A 56 -14.69 -12.41 24.16
C LEU A 56 -13.25 -12.63 23.74
N GLY A 57 -13.00 -13.59 22.85
CA GLY A 57 -11.67 -13.74 22.29
C GLY A 57 -11.27 -12.57 21.42
N LEU A 58 -12.23 -12.05 20.65
CA LEU A 58 -11.97 -10.84 19.88
C LEU A 58 -11.86 -9.62 20.79
N LEU A 59 -12.62 -9.61 21.89
CA LEU A 59 -12.55 -8.48 22.81
C LEU A 59 -11.22 -8.48 23.56
N LEU A 60 -10.73 -9.68 23.92
CA LEU A 60 -9.42 -9.75 24.55
C LEU A 60 -8.31 -9.48 23.56
N ASN A 61 -8.53 -9.78 22.28
CA ASN A 61 -7.53 -9.45 21.27
C ASN A 61 -7.47 -7.95 21.02
N GLY A 62 -8.56 -7.24 21.31
CA GLY A 62 -8.53 -5.80 21.16
C GLY A 62 -7.75 -5.10 22.25
N VAL A 63 -7.93 -5.55 23.50
CA VAL A 63 -7.37 -4.82 24.63
C VAL A 63 -5.87 -5.00 24.73
N CYS A 64 -5.33 -6.11 24.24
CA CYS A 64 -3.89 -6.28 24.26
C CYS A 64 -3.24 -5.46 23.16
N SER A 65 -3.91 -5.32 22.03
CA SER A 65 -3.45 -4.44 20.98
C SER A 65 -3.57 -2.98 21.37
N LEU A 66 -4.46 -2.67 22.31
CA LEU A 66 -4.56 -1.32 22.85
C LEU A 66 -3.31 -0.94 23.61
N ALA A 67 -2.65 -1.92 24.23
CA ALA A 67 -1.41 -1.65 24.96
C ALA A 67 -0.29 -1.24 24.02
N GLU A 68 -0.34 -1.68 22.77
CA GLU A 68 0.58 -1.15 21.78
C GLU A 68 0.22 0.28 21.41
N GLU A 69 -1.09 0.57 21.32
CA GLU A 69 -1.54 1.83 20.74
C GLU A 69 -1.24 3.02 21.64
N LEU A 70 -1.15 2.80 22.95
CA LEU A 70 -0.87 3.90 23.86
C LEU A 70 0.57 4.41 23.74
N ARG A 71 1.44 3.65 23.10
CA ARG A 71 2.74 4.20 22.73
C ARG A 71 2.59 5.28 21.66
N HIS A 72 1.56 5.17 20.83
CA HIS A 72 1.36 6.07 19.69
C HIS A 72 0.12 6.94 19.84
N ILE A 73 -0.14 7.43 21.06
CA ILE A 73 -1.32 8.23 21.27
C ILE A 73 -1.16 9.62 20.66
N HIS A 74 0.02 10.22 20.80
CA HIS A 74 0.21 11.59 20.38
C HIS A 74 0.34 11.70 18.87
N SER A 75 1.17 10.84 18.28
CA SER A 75 1.41 10.94 16.84
C SER A 75 0.24 10.37 16.05
N ARG A 76 -0.03 9.08 16.24
CA ARG A 76 -1.01 8.39 15.41
C ARG A 76 -2.44 8.79 15.75
N TYR A 77 -2.68 9.33 16.94
CA TYR A 77 -4.07 9.55 17.33
C TYR A 77 -4.33 10.92 17.94
N ARG A 78 -3.43 11.88 17.70
CA ARG A 78 -3.49 13.29 18.11
C ARG A 78 -3.87 13.48 19.57
N GLY A 79 -3.40 12.60 20.44
CA GLY A 79 -3.64 12.73 21.86
C GLY A 79 -5.03 12.41 22.32
N SER A 80 -5.88 11.90 21.43
CA SER A 80 -7.29 11.66 21.73
C SER A 80 -7.48 10.21 22.13
N TYR A 81 -7.84 9.99 23.40
CA TYR A 81 -7.97 8.64 23.95
C TYR A 81 -9.12 7.87 23.33
N TRP A 82 -10.11 8.56 22.78
CA TRP A 82 -11.29 7.86 22.28
C TRP A 82 -11.01 7.18 20.95
N ARG A 83 -10.18 7.80 20.10
CA ARG A 83 -9.86 7.23 18.80
C ARG A 83 -9.09 5.93 18.94
N THR A 84 -8.28 5.81 19.99
CA THR A 84 -7.47 4.62 20.20
C THR A 84 -8.32 3.41 20.48
N VAL A 85 -9.37 3.57 21.28
CA VAL A 85 -10.30 2.48 21.50
C VAL A 85 -11.11 2.23 20.25
N ARG A 86 -11.43 3.28 19.50
CA ARG A 86 -12.12 3.11 18.23
C ARG A 86 -11.21 2.46 17.19
N ALA A 87 -9.89 2.68 17.30
CA ALA A 87 -8.97 2.06 16.36
C ALA A 87 -8.84 0.56 16.62
N CYS A 88 -8.85 0.15 17.88
CA CYS A 88 -8.93 -1.26 18.18
C CYS A 88 -10.38 -1.73 18.10
N LEU A 89 -10.54 -3.05 18.23
CA LEU A 89 -11.80 -3.78 18.44
C LEU A 89 -12.76 -3.63 17.27
N GLY A 90 -12.45 -2.87 16.22
CA GLY A 90 -13.22 -2.88 14.99
C GLY A 90 -14.52 -2.11 15.06
N CYS A 91 -15.51 -2.68 15.74
CA CYS A 91 -16.85 -2.13 15.81
C CYS A 91 -17.50 -2.60 17.11
N PRO A 92 -17.63 -1.71 18.10
CA PRO A 92 -18.28 -2.12 19.35
C PRO A 92 -19.77 -2.34 19.22
N LEU A 93 -20.39 -1.78 18.16
CA LEU A 93 -21.82 -1.93 17.98
C LEU A 93 -22.19 -3.36 17.60
N ARG A 94 -21.53 -3.91 16.58
CA ARG A 94 -21.90 -5.23 16.12
C ARG A 94 -21.29 -6.32 16.99
N ARG A 95 -20.27 -5.97 17.78
CA ARG A 95 -19.67 -6.94 18.68
C ARG A 95 -20.38 -6.95 20.03
N GLY A 96 -20.58 -5.77 20.62
CA GLY A 96 -21.16 -5.68 21.95
C GLY A 96 -22.64 -6.05 22.03
N ALA A 97 -23.33 -6.01 20.89
CA ALA A 97 -24.75 -6.37 20.89
C ALA A 97 -24.95 -7.86 21.11
N LEU A 98 -24.12 -8.69 20.49
CA LEU A 98 -24.22 -10.12 20.70
C LEU A 98 -23.67 -10.55 22.05
N LEU A 99 -22.83 -9.73 22.68
CA LEU A 99 -22.34 -10.06 24.01
C LEU A 99 -23.44 -9.93 25.04
N LEU A 100 -24.28 -8.90 24.92
CA LEU A 100 -25.42 -8.75 25.83
C LEU A 100 -26.50 -9.78 25.55
N LEU A 101 -26.69 -10.14 24.29
CA LEU A 101 -27.68 -11.14 23.91
C LEU A 101 -27.30 -12.53 24.42
N SER A 102 -26.00 -12.78 24.62
CA SER A 102 -25.55 -14.05 25.18
C SER A 102 -25.96 -14.20 26.64
N ILE A 103 -25.80 -13.13 27.43
CA ILE A 103 -26.10 -13.20 28.85
C ILE A 103 -27.60 -13.35 29.09
N TYR A 104 -28.41 -12.84 28.14
CA TYR A 104 -29.84 -13.16 28.13
C TYR A 104 -30.05 -14.66 27.97
N PHE A 105 -29.29 -15.30 27.10
CA PHE A 105 -29.39 -16.74 26.94
C PHE A 105 -28.60 -17.50 27.99
N TYR A 106 -27.61 -16.86 28.62
CA TYR A 106 -26.75 -17.56 29.56
C TYR A 106 -27.50 -17.92 30.84
N TYR A 107 -28.34 -17.00 31.32
CA TYR A 107 -29.16 -17.30 32.50
C TYR A 107 -30.22 -18.34 32.17
N SER A 108 -30.85 -18.24 31.02
CA SER A 108 -31.87 -19.20 30.62
C SER A 108 -31.23 -20.48 30.09
N PRO A 116 -19.66 -21.07 39.03
CA PRO A 116 -18.23 -20.90 38.75
C PRO A 116 -18.00 -20.34 37.37
N PHE A 117 -18.78 -19.32 37.00
CA PHE A 117 -18.76 -18.77 35.65
C PHE A 117 -17.42 -18.11 35.34
N THR A 118 -16.82 -17.47 36.33
CA THR A 118 -15.52 -16.84 36.14
C THR A 118 -14.44 -17.89 35.93
N TRP A 119 -14.56 -19.03 36.62
CA TRP A 119 -13.67 -20.15 36.34
C TRP A 119 -13.89 -20.68 34.93
N MET A 120 -15.14 -20.73 34.48
CA MET A 120 -15.41 -21.03 33.07
C MET A 120 -14.92 -19.91 32.16
N LEU A 121 -14.97 -18.67 32.63
CA LEU A 121 -14.45 -17.56 31.84
C LEU A 121 -12.93 -17.59 31.78
N ALA A 122 -12.29 -18.11 32.82
CA ALA A 122 -10.84 -18.10 32.85
C ALA A 122 -10.21 -19.12 31.92
N LEU A 123 -10.97 -20.13 31.50
CA LEU A 123 -10.42 -21.12 30.57
C LEU A 123 -10.19 -20.52 29.20
N LEU A 124 -11.12 -19.70 28.72
CA LEU A 124 -10.95 -19.04 27.44
C LEU A 124 -10.03 -17.84 27.52
N GLY A 125 -9.65 -17.41 28.72
CA GLY A 125 -8.76 -16.28 28.87
C GLY A 125 -7.36 -16.59 28.41
N LEU A 126 -6.74 -17.60 29.01
CA LEU A 126 -5.36 -17.94 28.65
C LEU A 126 -5.26 -18.65 27.32
N SER A 127 -6.38 -19.13 26.77
CA SER A 127 -6.35 -19.76 25.46
C SER A 127 -6.03 -18.74 24.37
N GLN A 128 -6.68 -17.58 24.44
CA GLN A 128 -6.40 -16.52 23.48
C GLN A 128 -5.04 -15.86 23.71
N ALA A 129 -4.50 -15.98 24.92
CA ALA A 129 -3.20 -15.39 25.21
C ALA A 129 -2.09 -16.12 24.45
N LEU A 130 -2.08 -17.45 24.54
CA LEU A 130 -1.10 -18.23 23.80
C LEU A 130 -1.38 -18.23 22.31
N ASN A 131 -2.63 -17.98 21.91
CA ASN A 131 -2.94 -17.78 20.50
C ASN A 131 -2.24 -16.55 19.94
N ILE A 132 -2.05 -15.53 20.78
CA ILE A 132 -1.26 -14.37 20.39
C ILE A 132 0.21 -14.63 20.61
N LEU A 133 0.54 -15.34 21.69
CA LEU A 133 1.95 -15.53 22.06
C LEU A 133 2.66 -16.47 21.11
N LEU A 134 1.99 -17.55 20.69
CA LEU A 134 2.59 -18.48 19.76
C LEU A 134 2.47 -18.01 18.31
N GLY A 135 1.86 -16.86 18.06
CA GLY A 135 1.64 -16.42 16.70
C GLY A 135 0.58 -17.21 15.97
N LEU A 136 -0.36 -17.83 16.70
CA LEU A 136 -1.38 -18.65 16.06
C LEU A 136 -2.42 -17.81 15.35
N LYS A 137 -2.61 -16.55 15.75
CA LYS A 137 -3.52 -15.65 15.03
C LYS A 137 -2.83 -15.23 13.74
N GLY A 138 -2.90 -16.11 12.75
CA GLY A 138 -2.25 -15.86 11.48
C GLY A 138 -3.23 -15.28 10.47
N LEU A 139 -2.75 -14.30 9.71
CA LEU A 139 -3.54 -13.70 8.65
C LEU A 139 -3.08 -14.30 7.33
N ALA A 140 -4.01 -14.88 6.58
CA ALA A 140 -3.66 -15.57 5.36
C ALA A 140 -3.28 -14.57 4.28
N PRO A 141 -2.38 -14.96 3.37
CA PRO A 141 -2.00 -14.06 2.27
C PRO A 141 -3.12 -13.72 1.31
N ALA A 142 -4.20 -14.49 1.31
CA ALA A 142 -5.41 -14.03 0.62
C ALA A 142 -6.03 -12.85 1.34
N GLU A 143 -6.16 -12.95 2.66
CA GLU A 143 -6.74 -11.87 3.43
C GLU A 143 -5.78 -10.70 3.57
N ILE A 144 -4.47 -10.99 3.58
CA ILE A 144 -3.47 -9.92 3.60
C ILE A 144 -3.55 -9.12 2.30
N SER A 145 -3.72 -9.80 1.18
CA SER A 145 -3.83 -9.11 -0.09
C SER A 145 -5.12 -8.33 -0.19
N ALA A 146 -6.24 -8.96 0.21
CA ALA A 146 -7.56 -8.40 -0.06
C ALA A 146 -7.84 -7.14 0.75
N VAL A 147 -7.04 -6.92 1.80
CA VAL A 147 -7.17 -5.66 2.54
C VAL A 147 -6.26 -4.61 1.92
N CYS A 148 -5.32 -5.03 1.08
CA CYS A 148 -4.41 -4.07 0.48
C CYS A 148 -4.98 -3.50 -0.82
N GLU A 149 -5.62 -4.34 -1.63
CA GLU A 149 -6.18 -3.81 -2.87
C GLU A 149 -7.56 -3.20 -2.63
N LYS A 150 -8.08 -3.33 -1.41
CA LYS A 150 -9.36 -2.72 -1.10
C LYS A 150 -9.23 -1.20 -1.04
N GLY A 151 -8.34 -0.70 -0.19
CA GLY A 151 -8.12 0.73 -0.13
C GLY A 151 -7.23 1.21 -1.25
N ASN A 152 -7.83 1.86 -2.25
CA ASN A 152 -7.11 2.31 -3.44
C ASN A 152 -6.11 3.41 -3.14
N PHE A 153 -6.28 4.14 -2.05
CA PHE A 153 -5.33 5.18 -1.67
C PHE A 153 -4.34 4.64 -0.64
N ASN A 154 -3.52 3.69 -1.08
CA ASN A 154 -2.41 3.19 -0.27
C ASN A 154 -1.11 3.85 -0.67
N VAL A 155 -1.19 5.14 -0.99
CA VAL A 155 -0.15 5.80 -1.74
C VAL A 155 0.94 6.38 -0.84
N ALA A 156 1.78 5.54 -0.30
CA ALA A 156 2.84 6.14 0.49
C ALA A 156 4.21 5.59 0.18
N HIS A 157 4.33 4.30 -0.05
CA HIS A 157 5.64 3.73 -0.32
C HIS A 157 6.02 3.88 -1.78
N GLY A 158 5.04 3.89 -2.68
CA GLY A 158 5.33 4.15 -4.08
C GLY A 158 5.83 5.56 -4.29
N LEU A 159 5.29 6.51 -3.53
CA LEU A 159 5.75 7.88 -3.62
C LEU A 159 7.13 8.04 -3.02
N ALA A 160 7.45 7.26 -1.99
CA ALA A 160 8.78 7.34 -1.42
C ALA A 160 9.81 6.65 -2.29
N TRP A 161 9.48 5.45 -2.79
CA TRP A 161 10.46 4.68 -3.52
C TRP A 161 10.71 5.25 -4.90
N SER A 162 9.69 5.79 -5.54
CA SER A 162 9.95 6.40 -6.82
C SER A 162 10.62 7.75 -6.69
N TYR A 163 10.53 8.39 -5.54
CA TYR A 163 11.23 9.66 -5.36
C TYR A 163 12.72 9.42 -5.25
N TYR A 164 13.12 8.36 -4.56
CA TYR A 164 14.53 8.06 -4.45
C TYR A 164 15.10 7.57 -5.76
N ILE A 165 14.36 6.69 -6.45
CA ILE A 165 14.86 6.08 -7.67
C ILE A 165 14.88 7.10 -8.81
N GLY A 166 13.74 7.73 -9.07
CA GLY A 166 13.65 8.58 -10.23
C GLY A 166 14.29 9.93 -10.07
N TYR A 167 14.39 10.43 -8.85
CA TYR A 167 14.89 11.79 -8.66
C TYR A 167 16.11 11.87 -7.78
N LEU A 168 16.10 11.25 -6.61
CA LEU A 168 17.19 11.49 -5.68
C LEU A 168 18.42 10.68 -6.03
N ARG A 169 18.27 9.51 -6.64
CA ARG A 169 19.43 8.77 -7.08
C ARG A 169 20.15 9.47 -8.22
N LEU A 170 19.45 10.33 -8.96
CA LEU A 170 20.01 10.99 -10.11
C LEU A 170 20.61 12.35 -9.78
N ILE A 171 19.98 13.09 -8.87
CA ILE A 171 20.40 14.48 -8.66
C ILE A 171 21.42 14.63 -7.54
N LEU A 172 21.55 13.65 -6.66
CA LEU A 172 22.46 13.83 -5.54
C LEU A 172 23.95 13.66 -5.87
N PRO A 173 24.43 12.63 -6.59
CA PRO A 173 25.88 12.56 -6.82
C PRO A 173 26.41 13.65 -7.73
N GLU A 174 25.57 14.26 -8.54
CA GLU A 174 26.02 15.37 -9.34
C GLU A 174 26.08 16.66 -8.54
N LEU A 175 25.35 16.73 -7.41
CA LEU A 175 25.04 18.00 -6.77
C LEU A 175 26.26 18.68 -6.17
N GLN A 176 27.23 17.91 -5.65
CA GLN A 176 28.40 18.49 -5.01
C GLN A 176 29.25 19.27 -5.99
N ALA A 177 29.33 18.81 -7.24
CA ALA A 177 30.06 19.55 -8.25
C ALA A 177 29.35 20.84 -8.63
N ARG A 178 28.01 20.84 -8.65
CA ARG A 178 27.29 22.05 -9.02
C ARG A 178 27.34 23.09 -7.91
N ILE A 179 27.56 22.66 -6.68
CA ILE A 179 27.66 23.62 -5.58
C ILE A 179 29.02 24.29 -5.58
N ARG A 180 30.08 23.50 -5.75
CA ARG A 180 31.44 24.03 -5.64
C ARG A 180 31.76 24.99 -6.77
N THR A 181 31.22 24.76 -7.96
CA THR A 181 31.46 25.69 -9.06
C THR A 181 30.76 27.02 -8.85
N TYR A 182 29.74 27.07 -8.01
CA TYR A 182 29.19 28.36 -7.63
C TYR A 182 30.13 29.10 -6.69
N ASN A 183 30.82 28.35 -5.82
CA ASN A 183 31.77 28.95 -4.91
C ASN A 183 33.06 29.34 -5.61
N GLN A 184 33.46 28.59 -6.65
CA GLN A 184 34.59 29.02 -7.46
C GLN A 184 34.24 30.25 -8.29
N HIS A 185 32.95 30.42 -8.61
CA HIS A 185 32.51 31.56 -9.39
C HIS A 185 32.65 32.86 -8.62
N TYR A 186 32.51 32.81 -7.30
CA TYR A 186 32.59 34.01 -6.48
C TYR A 186 34.04 34.38 -6.17
N ARG A 191 32.40 35.02 -1.89
CA ARG A 191 31.64 35.97 -1.07
C ARG A 191 30.62 35.24 -0.19
N GLY A 192 29.83 34.36 -0.82
CA GLY A 192 28.82 33.61 -0.11
C GLY A 192 29.04 32.11 -0.14
N ALA A 193 29.32 31.52 1.02
CA ALA A 193 29.66 30.11 1.12
C ALA A 193 28.39 29.31 1.38
N VAL A 194 27.96 28.53 0.39
CA VAL A 194 26.74 27.75 0.48
C VAL A 194 27.10 26.36 0.99
N SER A 195 26.24 25.82 1.85
CA SER A 195 26.52 24.53 2.47
C SER A 195 26.35 23.40 1.46
N GLN A 196 27.12 22.34 1.66
CA GLN A 196 27.17 21.24 0.70
C GLN A 196 26.19 20.13 1.06
N ARG A 197 24.93 20.49 1.26
CA ARG A 197 23.88 19.53 1.54
C ARG A 197 22.63 19.94 0.80
N LEU A 198 21.71 19.00 0.64
CA LEU A 198 20.41 19.29 0.07
C LEU A 198 19.36 19.19 1.15
N TYR A 199 18.57 20.25 1.30
CA TYR A 199 17.55 20.33 2.33
C TYR A 199 16.19 20.21 1.66
N ILE A 200 15.48 19.14 1.96
CA ILE A 200 14.17 18.88 1.39
C ILE A 200 13.13 19.17 2.46
N LEU A 201 12.21 20.08 2.16
CA LEU A 201 11.18 20.46 3.10
C LEU A 201 9.96 19.56 2.92
N LEU A 202 9.43 19.05 4.02
CA LEU A 202 8.28 18.16 4.01
C LEU A 202 7.18 18.78 4.85
N PRO A 203 6.36 19.66 4.27
CA PRO A 203 5.23 20.22 5.02
C PRO A 203 4.14 19.18 5.19
N LEU A 204 3.80 18.87 6.45
CA LEU A 204 2.81 17.85 6.68
C LEU A 204 1.41 18.34 6.39
N ASP A 205 1.17 19.65 6.52
CA ASP A 205 -0.10 20.27 6.17
C ASP A 205 -0.13 20.61 4.67
N CYS A 206 -0.05 19.54 3.86
CA CYS A 206 0.79 19.47 2.66
C CYS A 206 0.85 20.74 1.83
N GLY A 207 -0.30 21.18 1.29
CA GLY A 207 -0.58 22.53 0.81
C GLY A 207 0.50 23.31 0.10
N VAL A 208 1.23 22.65 -0.78
CA VAL A 208 2.50 23.17 -1.28
C VAL A 208 2.26 24.33 -2.25
N PRO A 209 2.86 25.49 -2.02
CA PRO A 209 2.77 26.58 -2.99
C PRO A 209 3.83 26.44 -4.08
N ASP A 210 3.73 27.31 -5.08
CA ASP A 210 4.65 27.26 -6.21
C ASP A 210 6.04 27.74 -5.80
N ASN A 211 6.13 28.94 -5.24
CA ASN A 211 7.39 29.49 -4.79
C ASN A 211 7.48 29.46 -3.28
N LEU A 212 8.57 30.00 -2.74
CA LEU A 212 8.80 30.08 -1.31
C LEU A 212 8.88 31.47 -0.73
N SER A 213 8.88 32.52 -1.55
CA SER A 213 8.94 33.86 -1.02
C SER A 213 7.66 34.22 -0.28
N MET A 214 6.52 33.71 -0.75
CA MET A 214 5.25 34.02 -0.11
C MET A 214 5.01 33.15 1.11
N ALA A 215 5.60 31.96 1.16
CA ALA A 215 5.40 31.09 2.32
C ALA A 215 6.09 31.64 3.56
N ASP A 216 7.17 32.37 3.38
CA ASP A 216 7.88 33.05 4.45
C ASP A 216 8.66 34.21 3.84
N PRO A 217 8.41 35.45 4.28
CA PRO A 217 9.20 36.58 3.79
C PRO A 217 10.59 36.67 4.39
N ASN A 218 10.93 35.78 5.32
CA ASN A 218 12.30 35.64 5.77
C ASN A 218 13.16 34.89 4.77
N ILE A 219 12.54 34.18 3.83
CA ILE A 219 13.25 33.44 2.78
C ILE A 219 12.79 34.03 1.45
N ARG A 220 13.63 34.87 0.85
CA ARG A 220 13.18 35.62 -0.32
C ARG A 220 14.24 35.71 -1.41
N PHE A 221 15.10 34.72 -1.56
CA PHE A 221 16.02 34.72 -2.69
C PHE A 221 15.39 33.97 -3.86
N LEU A 222 16.01 34.08 -5.01
CA LEU A 222 15.82 33.16 -6.11
C LEU A 222 17.11 33.15 -6.92
N ASP A 223 17.50 31.99 -7.40
CA ASP A 223 18.72 31.82 -8.18
C ASP A 223 18.61 30.49 -8.91
N LYS A 224 19.56 30.24 -9.80
CA LYS A 224 19.58 29.01 -10.57
C LYS A 224 20.94 28.36 -10.40
N LEU A 225 20.95 27.16 -9.86
CA LEU A 225 22.19 26.42 -9.70
C LEU A 225 22.67 25.95 -11.08
N PRO A 226 23.90 26.28 -11.47
CA PRO A 226 24.34 26.02 -12.84
C PRO A 226 24.63 24.54 -13.07
N GLN A 227 24.89 24.23 -14.33
CA GLN A 227 25.09 22.84 -14.74
C GLN A 227 26.53 22.43 -14.53
N GLN A 228 26.90 21.27 -15.09
CA GLN A 228 28.23 20.71 -14.84
C GLN A 228 29.32 21.48 -15.60
N THR A 229 29.11 21.70 -16.91
CA THR A 229 30.07 22.30 -17.85
C THR A 229 31.46 21.65 -17.80
N ASP A 237 20.93 16.45 -21.06
CA ASP A 237 19.88 15.44 -20.78
C ASP A 237 18.83 16.05 -19.84
N ARG A 238 18.48 15.32 -18.77
CA ARG A 238 17.49 15.81 -17.78
C ARG A 238 18.01 17.13 -17.19
N VAL A 239 17.15 18.15 -17.09
CA VAL A 239 17.60 19.46 -16.55
C VAL A 239 16.85 19.72 -15.25
N TYR A 240 17.56 19.59 -14.13
CA TYR A 240 16.95 19.83 -12.79
C TYR A 240 17.34 21.24 -12.32
N SER A 241 16.47 22.22 -12.59
CA SER A 241 16.78 23.61 -12.15
C SER A 241 16.80 23.62 -10.61
N ASN A 242 17.84 24.23 -10.04
CA ASN A 242 17.96 24.31 -8.56
C ASN A 242 18.08 25.78 -8.16
N SER A 243 17.26 26.21 -7.20
CA SER A 243 17.27 27.62 -6.74
C SER A 243 17.81 27.66 -5.30
N ILE A 244 18.78 28.55 -5.05
CA ILE A 244 19.37 28.66 -3.69
C ILE A 244 18.64 29.79 -2.94
N TYR A 245 18.04 29.45 -1.79
CA TYR A 245 17.30 30.44 -0.99
C TYR A 245 18.14 30.82 0.23
N GLU A 246 18.57 32.09 0.30
CA GLU A 246 19.40 32.58 1.43
C GLU A 246 18.49 33.10 2.54
N LEU A 247 18.57 32.50 3.73
CA LEU A 247 17.76 32.97 4.89
C LEU A 247 18.13 34.42 5.18
N LEU A 248 17.12 35.26 5.46
CA LEU A 248 17.36 36.69 5.76
C LEU A 248 17.08 36.96 7.24
N GLU A 249 17.82 36.29 8.13
CA GLU A 249 17.62 36.48 9.56
C GLU A 249 17.83 37.95 9.90
N ASN A 250 16.79 38.55 10.50
CA ASN A 250 16.60 40.01 10.68
C ASN A 250 17.11 40.83 9.50
N GLY A 251 16.64 40.45 8.32
CA GLY A 251 17.00 41.15 7.10
C GLY A 251 18.42 40.92 6.63
N GLN A 252 19.12 39.92 7.16
CA GLN A 252 20.50 39.66 6.82
C GLN A 252 20.68 38.19 6.49
N ARG A 253 21.35 37.91 5.37
CA ARG A 253 21.51 36.54 4.88
C ARG A 253 22.58 35.83 5.70
N ALA A 254 22.18 35.40 6.89
CA ALA A 254 23.09 34.64 7.73
C ALA A 254 23.33 33.24 7.17
N GLY A 255 22.35 32.70 6.45
CA GLY A 255 22.49 31.38 5.87
C GLY A 255 22.09 31.30 4.42
N THR A 256 22.90 30.64 3.60
CA THR A 256 22.59 30.39 2.21
C THR A 256 22.61 28.90 1.94
N CYS A 257 21.60 28.43 1.22
CA CYS A 257 21.33 27.00 1.13
C CYS A 257 20.46 26.73 -0.07
N VAL A 258 20.29 25.45 -0.35
CA VAL A 258 19.45 24.97 -1.45
C VAL A 258 18.21 24.33 -0.84
N LEU A 259 17.05 24.83 -1.22
CA LEU A 259 15.79 24.36 -0.68
C LEU A 259 14.91 23.89 -1.80
N GLU A 260 14.43 22.66 -1.70
CA GLU A 260 13.40 22.17 -2.59
C GLU A 260 12.26 21.61 -1.76
N TYR A 261 11.08 21.68 -2.33
CA TYR A 261 9.88 21.06 -1.74
C TYR A 261 9.89 19.57 -2.02
N ALA A 262 8.79 18.91 -1.69
CA ALA A 262 8.63 17.49 -1.96
C ALA A 262 7.47 17.34 -2.94
N THR A 263 7.79 17.12 -4.20
CA THR A 263 6.85 16.83 -5.28
C THR A 263 5.86 15.70 -5.00
N PRO A 264 6.16 14.64 -4.23
CA PRO A 264 5.08 13.73 -3.84
C PRO A 264 4.02 14.34 -2.95
N LEU A 265 4.36 15.36 -2.18
CA LEU A 265 3.35 15.99 -1.34
C LEU A 265 2.39 16.84 -2.15
N GLN A 266 2.81 17.33 -3.31
CA GLN A 266 1.88 17.99 -4.21
C GLN A 266 0.86 17.01 -4.76
N THR A 267 1.27 15.76 -4.97
CA THR A 267 0.36 14.76 -5.47
C THR A 267 -0.67 14.37 -4.42
N LEU A 268 -0.22 14.20 -3.18
CA LEU A 268 -1.12 13.84 -2.09
C LEU A 268 -2.14 14.93 -1.83
N PHE A 269 -1.73 16.18 -2.02
CA PHE A 269 -2.69 17.28 -1.96
C PHE A 269 -3.66 17.20 -3.11
N ALA A 270 -3.17 16.97 -4.32
CA ALA A 270 -4.01 17.04 -5.50
C ALA A 270 -4.94 15.84 -5.65
N MET A 271 -4.68 14.75 -4.91
CA MET A 271 -5.66 13.68 -4.89
C MET A 271 -6.85 14.04 -4.01
N SER A 272 -6.62 14.86 -2.97
CA SER A 272 -7.73 15.32 -2.13
C SER A 272 -8.59 16.32 -2.87
N GLN A 273 -7.97 17.20 -3.68
CA GLN A 273 -8.76 18.08 -4.52
C GLN A 273 -9.44 17.33 -5.64
N TYR A 274 -8.88 16.20 -6.05
CA TYR A 274 -9.54 15.35 -7.03
C TYR A 274 -10.70 14.64 -6.35
N SER A 275 -11.85 15.29 -6.30
CA SER A 275 -12.97 14.81 -5.51
C SER A 275 -13.69 13.63 -6.13
N GLN A 276 -13.34 13.23 -7.36
CA GLN A 276 -13.89 12.01 -7.91
C GLN A 276 -13.33 10.78 -7.20
N ALA A 277 -12.17 10.91 -6.57
CA ALA A 277 -11.62 9.90 -5.68
C ALA A 277 -11.80 10.38 -4.25
N GLY A 278 -12.42 9.55 -3.42
CA GLY A 278 -12.75 9.94 -2.05
C GLY A 278 -11.56 10.00 -1.11
N PHE A 279 -10.69 10.97 -1.32
CA PHE A 279 -9.47 11.14 -0.53
C PHE A 279 -9.66 12.35 0.36
N SER A 280 -9.85 12.12 1.65
CA SER A 280 -10.12 13.20 2.58
C SER A 280 -8.86 13.66 3.29
N ARG A 281 -8.97 14.78 4.01
CA ARG A 281 -7.81 15.36 4.68
C ARG A 281 -7.35 14.56 5.89
N GLU A 282 -8.14 13.61 6.36
CA GLU A 282 -7.61 12.69 7.36
C GLU A 282 -6.86 11.55 6.68
N ASP A 283 -7.30 11.16 5.50
CA ASP A 283 -6.59 10.14 4.74
C ASP A 283 -5.28 10.68 4.17
N ARG A 284 -5.23 11.96 3.86
CA ARG A 284 -3.99 12.55 3.36
C ARG A 284 -2.96 12.64 4.46
N LEU A 285 -3.38 13.03 5.66
CA LEU A 285 -2.44 13.22 6.75
C LEU A 285 -1.89 11.91 7.29
N GLU A 286 -2.57 10.79 7.08
CA GLU A 286 -1.98 9.55 7.54
C GLU A 286 -0.93 9.02 6.59
N GLN A 287 -0.97 9.43 5.32
CA GLN A 287 0.04 8.98 4.36
C GLN A 287 1.26 9.89 4.37
N ALA A 288 1.04 11.19 4.56
CA ALA A 288 2.16 12.14 4.54
C ALA A 288 3.07 11.94 5.74
N LYS A 289 2.55 11.44 6.86
CA LYS A 289 3.43 11.04 7.94
C LYS A 289 4.14 9.75 7.60
N LEU A 290 3.47 8.86 6.88
CA LEU A 290 4.09 7.61 6.47
C LEU A 290 5.13 7.83 5.39
N PHE A 291 4.92 8.84 4.55
CA PHE A 291 5.87 9.15 3.48
C PHE A 291 7.19 9.65 4.04
N CYS A 292 7.17 10.40 5.14
CA CYS A 292 8.41 10.89 5.69
C CYS A 292 9.16 9.81 6.44
N ARG A 293 8.46 8.86 7.05
CA ARG A 293 9.16 7.78 7.74
C ARG A 293 9.83 6.85 6.75
N THR A 294 9.16 6.57 5.64
CA THR A 294 9.76 5.71 4.61
C THR A 294 10.93 6.40 3.93
N LEU A 295 10.78 7.69 3.60
CA LEU A 295 11.86 8.40 2.95
C LEU A 295 13.03 8.65 3.89
N GLU A 296 12.79 8.69 5.20
CA GLU A 296 13.90 8.74 6.14
C GLU A 296 14.63 7.40 6.17
N ASP A 297 13.91 6.31 5.92
CA ASP A 297 14.53 4.99 5.93
C ASP A 297 15.44 4.81 4.74
N ILE A 298 15.01 5.27 3.56
CA ILE A 298 15.76 5.03 2.33
C ILE A 298 17.07 5.79 2.34
N LEU A 299 17.05 7.01 2.86
CA LEU A 299 18.25 7.82 2.93
C LEU A 299 19.16 7.42 4.07
N ALA A 300 18.76 6.47 4.92
CA ALA A 300 19.67 5.93 5.91
C ALA A 300 20.71 5.01 5.27
N ASP A 301 20.25 4.09 4.41
CA ASP A 301 21.11 3.09 3.81
C ASP A 301 21.31 3.30 2.31
N ALA A 302 21.40 4.55 1.88
CA ALA A 302 21.64 4.85 0.48
C ALA A 302 23.11 5.15 0.28
N PRO A 303 23.70 4.82 -0.86
CA PRO A 303 25.12 5.14 -1.06
C PRO A 303 25.38 6.61 -1.29
N GLU A 304 24.38 7.35 -1.77
CA GLU A 304 24.62 8.70 -2.25
C GLU A 304 24.24 9.74 -1.21
N SER A 305 23.26 9.43 -0.37
CA SER A 305 22.72 10.39 0.58
C SER A 305 23.28 10.20 1.98
N GLN A 306 24.54 9.81 2.10
CA GLN A 306 25.11 9.59 3.43
C GLN A 306 25.38 10.92 4.13
N ASN A 307 25.66 11.96 3.36
CA ASN A 307 25.80 13.30 3.90
C ASN A 307 25.22 14.38 3.01
N ASN A 308 24.34 14.05 2.06
CA ASN A 308 23.89 15.06 1.11
C ASN A 308 22.47 15.52 1.40
N CYS A 309 21.57 14.59 1.65
CA CYS A 309 20.19 14.96 1.88
C CYS A 309 19.94 15.18 3.35
N ARG A 310 18.98 16.07 3.64
CA ARG A 310 18.62 16.37 5.02
C ARG A 310 17.18 16.86 5.03
N LEU A 311 16.26 16.01 5.45
CA LEU A 311 14.84 16.33 5.41
C LEU A 311 14.47 17.24 6.57
N ILE A 312 13.69 18.26 6.29
CA ILE A 312 13.21 19.20 7.30
C ILE A 312 11.69 19.15 7.26
N ALA A 313 11.09 18.31 8.10
CA ALA A 313 9.65 18.20 8.16
C ALA A 313 9.09 19.24 9.12
N TYR A 314 7.88 19.71 8.83
CA TYR A 314 7.23 20.67 9.71
C TYR A 314 5.73 20.61 9.49
N GLN A 315 5.00 21.04 10.52
CA GLN A 315 3.57 21.29 10.40
C GLN A 315 3.25 22.51 11.25
N GLU A 316 2.97 23.61 10.63
CA GLU A 316 2.70 24.83 11.38
C GLU A 316 1.20 25.07 11.46
N PRO A 317 0.66 25.38 12.65
CA PRO A 317 -0.78 25.54 12.90
C PRO A 317 -1.43 26.64 12.08
N SER A 321 -0.26 30.44 16.67
CA SER A 321 1.17 30.55 16.95
C SER A 321 2.00 29.89 15.86
N SER A 322 1.70 30.22 14.61
CA SER A 322 2.41 29.66 13.48
C SER A 322 3.80 30.29 13.40
N PHE A 323 4.83 29.51 13.73
CA PHE A 323 6.19 30.03 13.81
C PHE A 323 6.83 30.07 12.43
N SER A 324 8.07 30.53 12.38
CA SER A 324 8.78 30.73 11.12
C SER A 324 9.66 29.52 10.83
N LEU A 325 9.46 28.91 9.66
CA LEU A 325 10.28 27.79 9.23
C LEU A 325 11.68 28.21 8.82
N SER A 326 11.91 29.51 8.63
CA SER A 326 13.27 29.97 8.35
C SER A 326 14.18 29.79 9.56
N GLN A 327 13.61 29.76 10.76
CA GLN A 327 14.42 29.51 11.94
C GLN A 327 14.86 28.06 12.01
N GLU A 328 13.93 27.12 11.78
CA GLU A 328 14.25 25.71 11.93
C GLU A 328 15.16 25.19 10.83
N VAL A 329 15.18 25.85 9.68
CA VAL A 329 16.20 25.57 8.69
C VAL A 329 17.56 26.03 9.20
N LEU A 330 17.60 27.18 9.84
CA LEU A 330 18.85 27.70 10.38
C LEU A 330 19.33 26.90 11.58
N ARG A 331 18.40 26.25 12.30
CA ARG A 331 18.83 25.29 13.31
C ARG A 331 19.47 24.08 12.66
N HIS A 332 18.89 23.61 11.55
CA HIS A 332 19.51 22.52 10.81
C HIS A 332 20.74 22.97 10.06
N LEU A 333 20.91 24.28 9.86
CA LEU A 333 22.09 24.76 9.15
C LEU A 333 23.27 24.89 10.09
N ARG A 334 23.06 25.47 11.26
CA ARG A 334 24.16 25.65 12.20
C ARG A 334 24.55 24.35 12.90
N GLN A 335 23.69 23.33 12.86
CA GLN A 335 24.07 22.02 13.38
C GLN A 335 24.98 21.26 12.44
N GLU A 336 25.15 21.74 11.20
CA GLU A 336 26.06 21.09 10.26
C GLU A 336 27.51 21.31 10.65
N GLU A 337 27.83 22.52 11.10
CA GLU A 337 29.21 22.84 11.50
C GLU A 337 29.24 23.85 12.64
N SER B 5 11.68 10.26 15.30
CA SER B 5 13.03 10.76 15.57
C SER B 5 13.35 11.94 14.65
N LEU B 6 12.36 12.36 13.88
CA LEU B 6 12.50 13.49 12.98
C LEU B 6 11.56 14.63 13.35
N HIS B 7 10.30 14.33 13.59
CA HIS B 7 9.35 15.28 14.14
C HIS B 7 8.57 14.55 15.23
N PRO B 8 8.15 15.26 16.28
CA PRO B 8 7.36 14.60 17.32
C PRO B 8 6.00 14.09 16.89
N SER B 9 5.48 14.52 15.74
CA SER B 9 4.23 13.96 15.25
C SER B 9 4.43 12.79 14.32
N ILE B 10 5.66 12.51 13.93
CA ILE B 10 5.96 11.38 13.06
C ILE B 10 5.79 10.10 13.86
N PRO B 11 4.90 9.19 13.45
CA PRO B 11 4.69 7.98 14.22
C PRO B 11 5.84 7.01 14.07
N CYS B 12 6.30 6.46 15.18
CA CYS B 12 7.32 5.44 15.14
C CYS B 12 6.71 4.14 14.66
N PRO B 13 7.52 3.22 14.14
CA PRO B 13 7.01 1.89 13.78
C PRO B 13 6.55 1.12 14.99
N ARG B 14 5.75 0.08 14.72
CA ARG B 14 5.19 -0.74 15.78
C ARG B 14 6.27 -1.56 16.47
N GLY B 15 6.04 -1.85 17.75
CA GLY B 15 6.92 -2.68 18.54
C GLY B 15 6.27 -4.01 18.87
N HIS B 16 6.94 -4.73 19.77
CA HIS B 16 6.45 -6.03 20.23
C HIS B 16 5.63 -5.91 21.51
N GLY B 17 4.99 -4.76 21.72
CA GLY B 17 4.12 -4.59 22.87
C GLY B 17 2.85 -5.40 22.82
N ALA B 18 2.47 -5.87 21.64
CA ALA B 18 1.34 -6.78 21.55
C ALA B 18 1.68 -8.14 22.16
N GLN B 19 2.86 -8.66 21.83
CA GLN B 19 3.31 -9.89 22.45
C GLN B 19 3.71 -9.66 23.91
N LYS B 20 4.18 -8.46 24.23
CA LYS B 20 4.66 -8.17 25.59
C LYS B 20 3.52 -8.17 26.59
N ALA B 21 2.43 -7.49 26.25
CA ALA B 21 1.28 -7.48 27.15
C ALA B 21 0.47 -8.77 27.08
N ALA B 22 0.77 -9.66 26.13
CA ALA B 22 0.03 -10.91 26.03
C ALA B 22 0.40 -11.86 27.16
N LEU B 23 1.69 -11.94 27.50
CA LEU B 23 2.11 -12.84 28.58
C LEU B 23 1.68 -12.30 29.94
N VAL B 24 1.49 -11.00 30.05
CA VAL B 24 1.05 -10.41 31.31
C VAL B 24 -0.38 -10.82 31.61
N LEU B 25 -1.26 -10.76 30.62
CA LEU B 25 -2.61 -11.27 30.81
C LEU B 25 -2.65 -12.78 30.80
N LEU B 26 -1.60 -13.43 30.28
CA LEU B 26 -1.47 -14.87 30.44
C LEU B 26 -1.11 -15.23 31.86
N SER B 27 -0.11 -14.54 32.43
CA SER B 27 0.32 -14.81 33.80
C SER B 27 -0.74 -14.39 34.81
N ALA B 28 -1.56 -13.41 34.47
CA ALA B 28 -2.66 -13.03 35.34
C ALA B 28 -3.75 -14.09 35.34
N CYS B 29 -4.15 -14.56 34.16
CA CYS B 29 -5.25 -15.52 34.09
C CYS B 29 -4.83 -16.92 34.50
N LEU B 30 -3.54 -17.22 34.47
CA LEU B 30 -3.08 -18.55 34.84
C LEU B 30 -3.17 -18.77 36.34
N VAL B 31 -2.85 -17.74 37.13
CA VAL B 31 -2.87 -17.91 38.59
C VAL B 31 -4.28 -17.88 39.15
N THR B 32 -5.26 -17.42 38.37
CA THR B 32 -6.65 -17.60 38.77
C THR B 32 -7.07 -19.06 38.72
N LEU B 33 -6.46 -19.83 37.82
CA LEU B 33 -6.69 -21.27 37.79
C LEU B 33 -6.10 -21.94 39.02
N TRP B 34 -5.03 -21.37 39.57
CA TRP B 34 -4.51 -21.83 40.85
C TRP B 34 -5.48 -21.52 41.99
N GLY B 35 -6.34 -20.51 41.82
CA GLY B 35 -7.35 -20.22 42.83
C GLY B 35 -8.34 -21.34 43.04
N LEU B 36 -8.64 -22.08 41.98
CA LEU B 36 -9.39 -23.33 42.14
C LEU B 36 -8.41 -24.49 42.23
N PRO B 40 -7.52 -27.96 39.65
CA PRO B 40 -7.20 -29.38 39.53
C PRO B 40 -6.49 -29.72 38.22
N GLU B 41 -6.96 -30.78 37.57
CA GLU B 41 -6.49 -31.16 36.25
C GLU B 41 -7.63 -31.35 35.25
N HIS B 42 -8.89 -31.22 35.70
CA HIS B 42 -10.06 -31.47 34.86
C HIS B 42 -10.20 -30.47 33.73
N THR B 43 -9.64 -29.27 33.88
CA THR B 43 -9.81 -28.23 32.88
C THR B 43 -9.00 -28.48 31.63
N LEU B 44 -7.86 -29.16 31.76
CA LEU B 44 -6.88 -29.19 30.68
C LEU B 44 -7.36 -30.01 29.50
N ARG B 45 -8.25 -30.97 29.71
CA ARG B 45 -8.87 -31.64 28.58
C ARG B 45 -9.90 -30.76 27.91
N TYR B 46 -10.55 -29.89 28.67
CA TYR B 46 -11.50 -28.93 28.09
C TYR B 46 -10.79 -27.79 27.38
N LEU B 47 -9.55 -27.49 27.75
CA LEU B 47 -8.86 -26.33 27.20
C LEU B 47 -8.50 -26.56 25.73
N VAL B 48 -7.96 -27.74 25.43
CA VAL B 48 -7.53 -28.00 24.05
C VAL B 48 -8.74 -28.23 23.16
N LEU B 49 -9.84 -28.72 23.73
CA LEU B 49 -11.07 -28.88 22.97
C LEU B 49 -11.62 -27.52 22.54
N HIS B 50 -11.57 -26.53 23.43
CA HIS B 50 -11.93 -25.17 23.03
C HIS B 50 -10.88 -24.60 22.09
N LEU B 51 -9.61 -24.95 22.32
CA LEU B 51 -8.54 -24.51 21.42
C LEU B 51 -8.67 -25.19 20.06
N ALA B 52 -9.28 -26.38 20.01
CA ALA B 52 -9.55 -27.01 18.74
C ALA B 52 -10.58 -26.22 17.95
N SER B 53 -11.61 -25.72 18.62
CA SER B 53 -12.73 -25.07 17.94
C SER B 53 -12.33 -23.75 17.31
N LEU B 54 -11.30 -23.10 17.85
CA LEU B 54 -10.77 -21.92 17.18
C LEU B 54 -10.08 -22.29 15.89
N GLN B 55 -9.48 -23.47 15.81
CA GLN B 55 -8.75 -23.85 14.62
C GLN B 55 -9.69 -24.32 13.52
N LEU B 56 -10.74 -25.07 13.88
CA LEU B 56 -11.74 -25.47 12.91
C LEU B 56 -12.50 -24.28 12.36
N GLY B 57 -12.69 -23.26 13.19
CA GLY B 57 -13.28 -22.01 12.69
C GLY B 57 -12.35 -21.30 11.73
N LEU B 58 -11.05 -21.32 12.01
CA LEU B 58 -10.10 -20.78 11.05
C LEU B 58 -9.97 -21.67 9.82
N LEU B 59 -10.11 -22.99 10.00
CA LEU B 59 -10.03 -23.88 8.86
C LEU B 59 -11.25 -23.72 7.96
N LEU B 60 -12.42 -23.52 8.56
CA LEU B 60 -13.61 -23.26 7.76
C LEU B 60 -13.58 -21.88 7.13
N ASN B 61 -12.90 -20.93 7.77
CA ASN B 61 -12.74 -19.61 7.17
C ASN B 61 -11.78 -19.65 5.99
N GLY B 62 -10.89 -20.63 5.96
CA GLY B 62 -9.99 -20.75 4.83
C GLY B 62 -10.68 -21.31 3.60
N VAL B 63 -11.52 -22.33 3.79
CA VAL B 63 -12.07 -23.05 2.65
C VAL B 63 -13.14 -22.24 1.93
N CYS B 64 -13.82 -21.33 2.63
CA CYS B 64 -14.81 -20.50 1.94
C CYS B 64 -14.11 -19.39 1.16
N SER B 65 -12.99 -18.90 1.68
CA SER B 65 -12.18 -17.96 0.93
C SER B 65 -11.49 -18.61 -0.25
N LEU B 66 -11.30 -19.93 -0.19
CA LEU B 66 -10.77 -20.65 -1.34
C LEU B 66 -11.73 -20.63 -2.51
N ALA B 67 -13.04 -20.56 -2.23
CA ALA B 67 -14.03 -20.48 -3.29
C ALA B 67 -13.95 -19.17 -4.04
N GLU B 68 -13.47 -18.12 -3.39
CA GLU B 68 -13.17 -16.89 -4.11
C GLU B 68 -11.93 -17.07 -4.97
N GLU B 69 -10.94 -17.79 -4.46
CA GLU B 69 -9.62 -17.82 -5.10
C GLU B 69 -9.62 -18.58 -6.41
N LEU B 70 -10.52 -19.54 -6.56
CA LEU B 70 -10.58 -20.31 -7.80
C LEU B 70 -11.08 -19.48 -8.98
N ARG B 71 -11.68 -18.33 -8.73
CA ARG B 71 -11.94 -17.40 -9.81
C ARG B 71 -10.64 -16.82 -10.36
N HIS B 72 -9.62 -16.74 -9.52
CA HIS B 72 -8.36 -16.09 -9.88
C HIS B 72 -7.20 -17.08 -9.92
N ILE B 73 -7.44 -18.28 -10.43
CA ILE B 73 -6.38 -19.28 -10.46
C ILE B 73 -5.36 -18.95 -11.52
N HIS B 74 -5.81 -18.50 -12.69
CA HIS B 74 -4.90 -18.30 -13.81
C HIS B 74 -4.08 -17.04 -13.65
N SER B 75 -4.72 -15.94 -13.29
CA SER B 75 -4.02 -14.67 -13.19
C SER B 75 -3.19 -14.60 -11.91
N ARG B 76 -3.86 -14.67 -10.76
CA ARG B 76 -3.21 -14.44 -9.49
C ARG B 76 -2.31 -15.60 -9.08
N TYR B 77 -2.52 -16.79 -9.63
CA TYR B 77 -1.77 -17.94 -9.12
C TYR B 77 -1.19 -18.81 -10.21
N ARG B 78 -1.05 -18.28 -11.43
CA ARG B 78 -0.43 -18.90 -12.61
C ARG B 78 -0.90 -20.34 -12.87
N GLY B 79 -2.18 -20.59 -12.62
CA GLY B 79 -2.76 -21.89 -12.90
C GLY B 79 -2.35 -23.00 -11.95
N SER B 80 -1.64 -22.68 -10.88
CA SER B 80 -1.09 -23.68 -9.96
C SER B 80 -2.04 -23.84 -8.79
N TYR B 81 -2.65 -25.02 -8.68
CA TYR B 81 -3.64 -25.29 -7.65
C TYR B 81 -3.05 -25.31 -6.25
N TRP B 82 -1.75 -25.57 -6.13
CA TRP B 82 -1.17 -25.71 -4.81
C TRP B 82 -0.98 -24.36 -4.13
N ARG B 83 -0.65 -23.33 -4.91
CA ARG B 83 -0.45 -22.00 -4.35
C ARG B 83 -1.73 -21.42 -3.77
N THR B 84 -2.87 -21.78 -4.35
CA THR B 84 -4.16 -21.27 -3.90
C THR B 84 -4.49 -21.77 -2.51
N VAL B 85 -4.22 -23.04 -2.24
CA VAL B 85 -4.40 -23.55 -0.89
C VAL B 85 -3.35 -22.96 0.04
N ARG B 86 -2.15 -22.73 -0.46
CA ARG B 86 -1.12 -22.07 0.33
C ARG B 86 -1.46 -20.61 0.57
N ALA B 87 -2.18 -19.98 -0.36
CA ALA B 87 -2.57 -18.59 -0.17
C ALA B 87 -3.64 -18.46 0.89
N CYS B 88 -4.57 -19.41 0.95
CA CYS B 88 -5.50 -19.42 2.06
C CYS B 88 -4.86 -20.10 3.26
N LEU B 89 -5.58 -20.06 4.39
CA LEU B 89 -5.36 -20.81 5.63
C LEU B 89 -4.03 -20.46 6.30
N GLY B 90 -3.22 -19.57 5.74
CA GLY B 90 -2.07 -19.03 6.44
C GLY B 90 -0.89 -19.96 6.54
N CYS B 91 -0.99 -20.96 7.41
CA CYS B 91 0.10 -21.90 7.69
C CYS B 91 -0.50 -23.21 8.16
N PRO B 92 -0.47 -24.24 7.30
CA PRO B 92 -1.03 -25.55 7.71
C PRO B 92 -0.18 -26.24 8.76
N LEU B 93 1.10 -25.86 8.88
CA LEU B 93 1.99 -26.50 9.85
C LEU B 93 1.60 -26.15 11.27
N ARG B 94 1.46 -24.85 11.57
CA ARG B 94 1.19 -24.45 12.94
C ARG B 94 -0.29 -24.61 13.27
N ARG B 95 -1.14 -24.72 12.25
CA ARG B 95 -2.56 -24.93 12.49
C ARG B 95 -2.89 -26.41 12.62
N GLY B 96 -2.43 -27.22 11.65
CA GLY B 96 -2.77 -28.62 11.62
C GLY B 96 -2.14 -29.45 12.72
N ALA B 97 -1.06 -28.95 13.33
CA ALA B 97 -0.41 -29.70 14.41
C ALA B 97 -1.26 -29.72 15.66
N LEU B 98 -1.90 -28.60 15.99
CA LEU B 98 -2.77 -28.55 17.15
C LEU B 98 -4.10 -29.25 16.90
N LEU B 99 -4.49 -29.42 15.64
CA LEU B 99 -5.72 -30.14 15.34
C LEU B 99 -5.55 -31.63 15.62
N LEU B 100 -4.39 -32.20 15.29
CA LEU B 100 -4.14 -33.60 15.61
C LEU B 100 -3.92 -33.81 17.10
N LEU B 101 -3.30 -32.84 17.77
CA LEU B 101 -3.07 -32.92 19.21
C LEU B 101 -4.38 -32.86 20.00
N SER B 102 -5.40 -32.24 19.42
CA SER B 102 -6.71 -32.19 20.07
C SER B 102 -7.37 -33.56 20.10
N ILE B 103 -7.30 -34.29 18.99
CA ILE B 103 -7.96 -35.60 18.90
C ILE B 103 -7.26 -36.61 19.81
N TYR B 104 -5.96 -36.41 20.06
CA TYR B 104 -5.28 -37.15 21.12
C TYR B 104 -5.91 -36.89 22.47
N PHE B 105 -6.26 -35.63 22.74
CA PHE B 105 -6.92 -35.31 23.99
C PHE B 105 -8.42 -35.55 23.93
N TYR B 106 -9.00 -35.61 22.72
CA TYR B 106 -10.45 -35.75 22.61
C TYR B 106 -10.91 -37.13 23.03
N TYR B 107 -10.14 -38.17 22.67
CA TYR B 107 -10.49 -39.52 23.11
C TYR B 107 -10.27 -39.67 24.60
N SER B 108 -9.17 -39.13 25.13
CA SER B 108 -8.89 -39.22 26.55
C SER B 108 -9.71 -38.19 27.33
N PRO B 116 -22.00 -38.65 19.39
CA PRO B 116 -22.61 -37.63 18.53
C PRO B 116 -21.65 -36.49 18.25
N PHE B 117 -20.40 -36.83 17.95
CA PHE B 117 -19.35 -35.83 17.79
C PHE B 117 -19.60 -34.94 16.58
N THR B 118 -20.14 -35.52 15.51
CA THR B 118 -20.46 -34.73 14.33
C THR B 118 -21.60 -33.76 14.61
N TRP B 119 -22.56 -34.17 15.45
CA TRP B 119 -23.58 -33.23 15.91
C TRP B 119 -22.96 -32.13 16.76
N MET B 120 -21.98 -32.48 17.59
CA MET B 120 -21.21 -31.45 18.28
C MET B 120 -20.35 -30.65 17.32
N LEU B 121 -19.88 -31.28 16.24
CA LEU B 121 -19.11 -30.55 15.24
C LEU B 121 -20.01 -29.63 14.43
N ALA B 122 -21.28 -29.99 14.26
CA ALA B 122 -22.16 -29.20 13.43
C ALA B 122 -22.60 -27.91 14.10
N LEU B 123 -22.49 -27.82 15.43
CA LEU B 123 -22.87 -26.58 16.12
C LEU B 123 -21.90 -25.46 15.80
N LEU B 124 -20.60 -25.77 15.76
CA LEU B 124 -19.61 -24.75 15.42
C LEU B 124 -19.52 -24.51 13.93
N GLY B 125 -20.17 -25.34 13.12
CA GLY B 125 -20.15 -25.16 11.68
C GLY B 125 -20.91 -23.93 11.25
N LEU B 126 -22.20 -23.87 11.57
CA LEU B 126 -23.01 -22.74 11.15
C LEU B 126 -22.74 -21.48 11.96
N SER B 127 -22.04 -21.59 13.09
CA SER B 127 -21.68 -20.42 13.86
C SER B 127 -20.68 -19.55 13.10
N GLN B 128 -19.67 -20.18 12.51
CA GLN B 128 -18.70 -19.44 11.72
C GLN B 128 -19.26 -18.98 10.38
N ALA B 129 -20.34 -19.61 9.92
CA ALA B 129 -20.94 -19.21 8.66
C ALA B 129 -21.60 -17.84 8.78
N LEU B 130 -22.42 -17.66 9.81
CA LEU B 130 -23.05 -16.37 10.05
C LEU B 130 -22.04 -15.33 10.54
N ASN B 131 -20.92 -15.77 11.12
CA ASN B 131 -19.83 -14.86 11.45
C ASN B 131 -19.25 -14.23 10.19
N ILE B 132 -19.25 -14.98 9.09
CA ILE B 132 -18.83 -14.43 7.80
C ILE B 132 -20.00 -13.73 7.13
N LEU B 133 -21.21 -14.27 7.28
CA LEU B 133 -22.35 -13.73 6.56
C LEU B 133 -22.79 -12.38 7.14
N LEU B 134 -22.77 -12.24 8.46
CA LEU B 134 -23.15 -10.98 9.07
C LEU B 134 -22.00 -9.97 9.08
N GLY B 135 -20.83 -10.34 8.55
CA GLY B 135 -19.69 -9.45 8.62
C GLY B 135 -19.09 -9.33 10.00
N LEU B 136 -19.30 -10.33 10.86
CA LEU B 136 -18.79 -10.26 12.22
C LEU B 136 -17.28 -10.43 12.29
N LYS B 137 -16.67 -11.09 11.30
CA LYS B 137 -15.21 -11.20 11.24
C LYS B 137 -14.67 -9.86 10.80
N GLY B 138 -14.57 -8.93 11.76
CA GLY B 138 -14.11 -7.59 11.48
C GLY B 138 -12.62 -7.46 11.77
N LEU B 139 -11.94 -6.74 10.89
CA LEU B 139 -10.53 -6.45 11.08
C LEU B 139 -10.41 -5.02 11.58
N ALA B 140 -9.76 -4.86 12.72
CA ALA B 140 -9.67 -3.56 13.35
C ALA B 140 -8.73 -2.65 12.57
N PRO B 141 -8.99 -1.33 12.58
CA PRO B 141 -8.09 -0.41 11.88
C PRO B 141 -6.69 -0.34 12.44
N ALA B 142 -6.47 -0.81 13.66
CA ALA B 142 -5.10 -1.03 14.13
C ALA B 142 -4.46 -2.18 13.36
N GLU B 143 -5.18 -3.29 13.24
CA GLU B 143 -4.63 -4.44 12.53
C GLU B 143 -4.62 -4.21 11.02
N ILE B 144 -5.58 -3.43 10.52
CA ILE B 144 -5.58 -3.06 9.11
C ILE B 144 -4.35 -2.22 8.78
N SER B 145 -4.02 -1.28 9.68
CA SER B 145 -2.85 -0.46 9.45
C SER B 145 -1.56 -1.26 9.58
N ALA B 146 -1.48 -2.10 10.61
CA ALA B 146 -0.20 -2.74 10.97
C ALA B 146 0.21 -3.78 9.93
N VAL B 147 -0.71 -4.21 9.08
CA VAL B 147 -0.33 -5.09 7.99
C VAL B 147 0.06 -4.28 6.77
N CYS B 148 -0.27 -2.99 6.77
CA CYS B 148 0.07 -2.16 5.62
C CYS B 148 1.45 -1.55 5.76
N GLU B 149 1.81 -1.11 6.97
CA GLU B 149 3.16 -0.54 7.12
C GLU B 149 4.19 -1.63 7.35
N LYS B 150 3.75 -2.88 7.49
CA LYS B 150 4.70 -3.97 7.64
C LYS B 150 5.45 -4.22 6.34
N GLY B 151 4.72 -4.47 5.26
CA GLY B 151 5.37 -4.67 3.98
C GLY B 151 5.73 -3.35 3.35
N ASN B 152 7.04 -3.01 3.37
CA ASN B 152 7.52 -1.73 2.87
C ASN B 152 7.38 -1.59 1.37
N PHE B 153 7.28 -2.69 0.64
CA PHE B 153 7.10 -2.65 -0.80
C PHE B 153 5.63 -2.81 -1.15
N ASN B 154 4.83 -1.82 -0.75
CA ASN B 154 3.43 -1.74 -1.14
C ASN B 154 3.24 -0.81 -2.32
N VAL B 155 4.20 -0.82 -3.24
CA VAL B 155 4.37 0.25 -4.19
C VAL B 155 3.55 0.04 -5.45
N ALA B 156 2.26 0.25 -5.36
CA ALA B 156 1.52 0.11 -6.61
C ALA B 156 0.56 1.24 -6.87
N HIS B 157 -0.12 1.73 -5.84
CA HIS B 157 -1.08 2.80 -6.06
C HIS B 157 -0.41 4.15 -6.08
N GLY B 158 0.68 4.32 -5.34
CA GLY B 158 1.44 5.55 -5.42
C GLY B 158 2.06 5.75 -6.78
N LEU B 159 2.51 4.67 -7.39
CA LEU B 159 3.06 4.75 -8.74
C LEU B 159 1.98 5.02 -9.77
N ALA B 160 0.77 4.53 -9.54
CA ALA B 160 -0.30 4.81 -10.48
C ALA B 160 -0.83 6.23 -10.30
N TRP B 161 -1.03 6.65 -9.06
CA TRP B 161 -1.65 7.94 -8.82
C TRP B 161 -0.71 9.08 -9.13
N SER B 162 0.57 8.91 -8.85
CA SER B 162 1.49 9.98 -9.20
C SER B 162 1.77 10.02 -10.69
N TYR B 163 1.56 8.92 -11.40
CA TYR B 163 1.74 8.95 -12.84
C TYR B 163 0.65 9.76 -13.52
N TYR B 164 -0.57 9.62 -13.03
CA TYR B 164 -1.66 10.39 -13.61
C TYR B 164 -1.54 11.85 -13.24
N ILE B 165 -1.22 12.15 -11.98
CA ILE B 165 -1.18 13.52 -11.51
C ILE B 165 0.02 14.26 -12.09
N GLY B 166 1.21 13.70 -11.90
CA GLY B 166 2.41 14.43 -12.27
C GLY B 166 2.69 14.42 -13.75
N TYR B 167 2.24 13.41 -14.48
CA TYR B 167 2.61 13.29 -15.88
C TYR B 167 1.43 13.26 -16.83
N LEU B 168 0.43 12.43 -16.57
CA LEU B 168 -0.61 12.27 -17.57
C LEU B 168 -1.62 13.40 -17.55
N ARG B 169 -1.85 14.01 -16.39
CA ARG B 169 -2.73 15.17 -16.34
C ARG B 169 -2.12 16.36 -17.05
N LEU B 170 -0.79 16.40 -17.19
CA LEU B 170 -0.12 17.53 -17.79
C LEU B 170 0.12 17.34 -19.28
N ILE B 171 0.41 16.13 -19.73
CA ILE B 171 0.82 15.95 -21.11
C ILE B 171 -0.32 15.60 -22.04
N LEU B 172 -1.45 15.15 -21.52
CA LEU B 172 -2.52 14.74 -22.41
C LEU B 172 -3.33 15.88 -23.05
N PRO B 173 -3.80 16.92 -22.33
CA PRO B 173 -4.59 17.96 -23.03
C PRO B 173 -3.78 18.78 -24.01
N GLU B 174 -2.47 18.84 -23.84
CA GLU B 174 -1.65 19.53 -24.82
C GLU B 174 -1.41 18.69 -26.07
N LEU B 175 -1.56 17.36 -25.95
CA LEU B 175 -1.01 16.44 -26.94
C LEU B 175 -1.69 16.54 -28.29
N GLN B 176 -2.99 16.81 -28.32
CA GLN B 176 -3.73 16.86 -29.58
C GLN B 176 -3.24 17.99 -30.48
N ALA B 177 -2.86 19.12 -29.87
CA ALA B 177 -2.31 20.22 -30.65
C ALA B 177 -0.93 19.88 -31.21
N ARG B 178 -0.13 19.13 -30.45
CA ARG B 178 1.20 18.80 -30.94
C ARG B 178 1.16 17.75 -32.04
N ILE B 179 0.09 16.96 -32.09
CA ILE B 179 -0.04 15.97 -33.14
C ILE B 179 -0.48 16.62 -34.45
N ARG B 180 -1.48 17.51 -34.37
CA ARG B 180 -2.04 18.10 -35.58
C ARG B 180 -1.05 19.00 -36.28
N THR B 181 -0.19 19.70 -35.53
CA THR B 181 0.80 20.55 -36.18
C THR B 181 1.86 19.74 -36.90
N TYR B 182 2.04 18.47 -36.55
CA TYR B 182 2.90 17.62 -37.36
C TYR B 182 2.22 17.27 -38.68
N ASN B 183 0.90 17.11 -38.65
CA ASN B 183 0.16 16.80 -39.87
C ASN B 183 0.00 18.03 -40.74
N GLN B 184 -0.09 19.22 -40.15
CA GLN B 184 -0.07 20.44 -40.95
C GLN B 184 1.30 20.69 -41.54
N HIS B 185 2.35 20.18 -40.90
CA HIS B 185 3.71 20.34 -41.39
C HIS B 185 3.93 19.56 -42.69
N TYR B 186 3.25 18.43 -42.85
CA TYR B 186 3.43 17.61 -44.03
C TYR B 186 2.60 18.12 -45.20
N ARG B 191 1.57 13.64 -45.73
CA ARG B 191 2.09 12.38 -46.24
C ARG B 191 1.80 11.23 -45.27
N GLY B 192 2.12 11.44 -44.00
CA GLY B 192 1.91 10.42 -42.99
C GLY B 192 0.93 10.85 -41.91
N ALA B 193 -0.21 10.19 -41.83
CA ALA B 193 -1.28 10.57 -40.91
C ALA B 193 -1.12 9.78 -39.62
N VAL B 194 -0.75 10.46 -38.55
CA VAL B 194 -0.52 9.84 -37.26
C VAL B 194 -1.80 9.88 -36.45
N SER B 195 -2.09 8.80 -35.74
CA SER B 195 -3.34 8.71 -34.99
C SER B 195 -3.31 9.61 -33.78
N GLN B 196 -4.49 10.10 -33.39
CA GLN B 196 -4.61 11.09 -32.34
C GLN B 196 -4.86 10.45 -30.97
N ARG B 197 -4.01 9.49 -30.61
CA ARG B 197 -4.09 8.85 -29.31
C ARG B 197 -2.68 8.65 -28.78
N LEU B 198 -2.57 8.43 -27.48
CA LEU B 198 -1.30 8.09 -26.85
C LEU B 198 -1.33 6.64 -26.42
N TYR B 199 -0.34 5.88 -26.86
CA TYR B 199 -0.26 4.46 -26.58
C TYR B 199 0.87 4.24 -25.58
N ILE B 200 0.52 3.79 -24.39
CA ILE B 200 1.48 3.55 -23.33
C ILE B 200 1.67 2.04 -23.22
N LEU B 201 2.91 1.60 -23.36
CA LEU B 201 3.23 0.18 -23.29
C LEU B 201 3.55 -0.20 -21.86
N LEU B 202 2.96 -1.30 -21.39
CA LEU B 202 3.15 -1.78 -20.03
C LEU B 202 3.70 -3.20 -20.09
N PRO B 203 5.02 -3.36 -20.22
CA PRO B 203 5.60 -4.71 -20.19
C PRO B 203 5.56 -5.28 -18.78
N LEU B 204 4.89 -6.42 -18.62
CA LEU B 204 4.77 -6.99 -17.30
C LEU B 204 6.06 -7.65 -16.86
N ASP B 205 6.87 -8.12 -17.80
CA ASP B 205 8.19 -8.68 -17.51
C ASP B 205 9.24 -7.56 -17.44
N CYS B 206 9.03 -6.67 -16.46
CA CYS B 206 9.16 -5.22 -16.61
C CYS B 206 10.31 -4.76 -17.48
N GLY B 207 11.55 -5.05 -17.06
CA GLY B 207 12.76 -5.07 -17.88
C GLY B 207 12.95 -4.03 -18.97
N VAL B 208 12.63 -2.79 -18.65
CA VAL B 208 12.44 -1.77 -19.67
C VAL B 208 13.79 -1.33 -20.25
N PRO B 209 13.97 -1.38 -21.56
CA PRO B 209 15.18 -0.86 -22.18
C PRO B 209 15.08 0.64 -22.42
N ASP B 210 16.19 1.23 -22.85
CA ASP B 210 16.23 2.66 -23.08
C ASP B 210 15.45 3.05 -24.32
N ASN B 211 15.77 2.43 -25.46
CA ASN B 211 15.07 2.70 -26.70
C ASN B 211 14.15 1.54 -27.06
N LEU B 212 13.51 1.63 -28.22
CA LEU B 212 12.60 0.60 -28.72
C LEU B 212 13.04 -0.07 -30.00
N SER B 213 14.10 0.40 -30.65
CA SER B 213 14.52 -0.24 -31.89
C SER B 213 15.09 -1.63 -31.62
N MET B 214 15.74 -1.80 -30.47
CA MET B 214 16.32 -3.10 -30.15
C MET B 214 15.30 -4.06 -29.58
N ALA B 215 14.22 -3.54 -28.97
CA ALA B 215 13.21 -4.43 -28.41
C ALA B 215 12.41 -5.12 -29.50
N ASP B 216 12.28 -4.49 -30.65
CA ASP B 216 11.64 -5.07 -31.82
C ASP B 216 12.18 -4.35 -33.06
N PRO B 217 12.79 -5.06 -34.00
CA PRO B 217 13.24 -4.44 -35.25
C PRO B 217 12.11 -4.13 -36.22
N ASN B 218 10.88 -4.53 -35.91
CA ASN B 218 9.72 -4.08 -36.66
C ASN B 218 9.33 -2.64 -36.31
N ILE B 219 9.83 -2.12 -35.20
CA ILE B 219 9.58 -0.74 -34.77
C ILE B 219 10.93 -0.05 -34.70
N ARG B 220 11.24 0.76 -35.71
CA ARG B 220 12.58 1.31 -35.81
C ARG B 220 12.61 2.77 -36.24
N PHE B 221 11.61 3.56 -35.90
CA PHE B 221 11.69 4.99 -36.16
C PHE B 221 12.30 5.69 -34.96
N LEU B 222 12.62 6.96 -35.14
CA LEU B 222 12.83 7.90 -34.05
C LEU B 222 12.50 9.28 -34.61
N ASP B 223 11.87 10.10 -33.78
CA ASP B 223 11.48 11.45 -34.15
C ASP B 223 11.19 12.21 -32.88
N LYS B 224 10.97 13.51 -33.02
CA LYS B 224 10.68 14.37 -31.88
C LYS B 224 9.41 15.13 -32.15
N LEU B 225 8.41 14.91 -31.32
CA LEU B 225 7.16 15.64 -31.44
C LEU B 225 7.37 17.09 -31.05
N PRO B 226 7.04 18.04 -31.91
CA PRO B 226 7.39 19.45 -31.65
C PRO B 226 6.50 20.06 -30.59
N GLN B 227 6.86 21.28 -30.20
CA GLN B 227 6.19 21.97 -29.11
C GLN B 227 4.95 22.71 -29.63
N GLN B 228 4.38 23.57 -28.80
CA GLN B 228 3.13 24.23 -29.14
C GLN B 228 3.34 25.32 -30.19
N THR B 229 4.33 26.21 -29.97
CA THR B 229 4.62 27.40 -30.79
C THR B 229 3.39 28.27 -31.06
N ASP B 237 8.64 26.26 -20.62
CA ASP B 237 8.23 25.59 -19.35
C ASP B 237 8.79 24.18 -19.31
N ARG B 238 7.92 23.18 -19.08
CA ARG B 238 8.35 21.76 -19.03
C ARG B 238 8.38 21.20 -20.46
N VAL B 239 9.47 20.52 -20.82
CA VAL B 239 9.61 19.95 -22.19
C VAL B 239 9.57 18.41 -22.09
N TYR B 240 8.63 17.81 -22.80
CA TYR B 240 8.47 16.32 -22.81
C TYR B 240 8.77 15.84 -24.23
N SER B 241 9.79 14.99 -24.39
CA SER B 241 10.12 14.49 -25.74
C SER B 241 9.26 13.27 -26.02
N ASN B 242 8.29 13.40 -26.94
CA ASN B 242 7.41 12.28 -27.32
C ASN B 242 7.89 11.76 -28.66
N SER B 243 8.58 10.62 -28.65
CA SER B 243 9.16 10.05 -29.90
C SER B 243 8.06 9.30 -30.67
N ILE B 244 8.00 9.49 -31.99
CA ILE B 244 6.95 8.81 -32.81
C ILE B 244 7.61 7.58 -33.47
N TYR B 245 7.08 6.38 -33.17
CA TYR B 245 7.63 5.13 -33.74
C TYR B 245 6.63 4.59 -34.76
N GLU B 246 7.05 4.50 -36.03
CA GLU B 246 6.16 4.00 -37.10
C GLU B 246 6.39 2.49 -37.28
N LEU B 247 5.31 1.71 -37.20
CA LEU B 247 5.40 0.24 -37.37
C LEU B 247 5.86 -0.06 -38.80
N LEU B 248 6.78 -1.01 -38.98
CA LEU B 248 7.29 -1.37 -40.32
C LEU B 248 6.78 -2.77 -40.70
N GLU B 249 5.46 -2.94 -40.77
CA GLU B 249 4.89 -4.23 -41.12
C GLU B 249 5.40 -4.64 -42.49
N ASN B 250 6.04 -5.83 -42.53
CA ASN B 250 6.88 -6.35 -43.63
C ASN B 250 7.71 -5.26 -44.30
N GLY B 251 8.44 -4.51 -43.48
CA GLY B 251 9.30 -3.46 -43.97
C GLY B 251 8.58 -2.24 -44.49
N GLN B 252 7.29 -2.08 -44.19
CA GLN B 252 6.50 -0.96 -44.68
C GLN B 252 5.73 -0.34 -43.54
N ARG B 253 5.80 0.99 -43.44
CA ARG B 253 5.20 1.73 -42.33
C ARG B 253 3.69 1.81 -42.54
N ALA B 254 3.02 0.71 -42.23
CA ALA B 254 1.56 0.71 -42.30
C ALA B 254 0.94 1.53 -41.19
N GLY B 255 1.62 1.65 -40.06
CA GLY B 255 1.11 2.44 -38.96
C GLY B 255 2.12 3.38 -38.35
N THR B 256 1.70 4.62 -38.11
CA THR B 256 2.52 5.61 -37.44
C THR B 256 1.81 6.11 -36.19
N CYS B 257 2.56 6.18 -35.10
CA CYS B 257 1.95 6.36 -33.79
C CYS B 257 2.99 6.88 -32.82
N VAL B 258 2.52 7.24 -31.63
CA VAL B 258 3.37 7.72 -30.54
C VAL B 258 3.40 6.64 -29.47
N LEU B 259 4.60 6.19 -29.14
CA LEU B 259 4.79 5.12 -28.19
C LEU B 259 5.68 5.61 -27.06
N GLU B 260 5.20 5.49 -25.84
CA GLU B 260 6.05 5.69 -24.67
C GLU B 260 5.94 4.47 -23.77
N TYR B 261 7.02 4.24 -23.04
CA TYR B 261 7.05 3.21 -22.01
C TYR B 261 6.34 3.71 -20.75
N ALA B 262 6.45 2.94 -19.68
CA ALA B 262 5.89 3.32 -18.39
C ALA B 262 7.06 3.46 -17.42
N THR B 263 7.44 4.69 -17.15
CA THR B 263 8.43 5.08 -16.16
C THR B 263 8.24 4.50 -14.75
N PRO B 264 7.01 4.25 -14.25
CA PRO B 264 6.92 3.48 -13.00
C PRO B 264 7.42 2.05 -13.09
N LEU B 265 7.37 1.43 -14.27
CA LEU B 265 7.87 0.08 -14.38
C LEU B 265 9.38 0.02 -14.36
N GLN B 266 10.06 1.11 -14.72
CA GLN B 266 11.49 1.16 -14.54
C GLN B 266 11.85 1.22 -13.06
N THR B 267 11.02 1.84 -12.26
CA THR B 267 11.27 1.90 -10.83
C THR B 267 11.07 0.55 -10.18
N LEU B 268 10.01 -0.15 -10.56
CA LEU B 268 9.74 -1.48 -10.01
C LEU B 268 10.83 -2.47 -10.37
N PHE B 269 11.41 -2.32 -11.56
CA PHE B 269 12.57 -3.10 -11.91
C PHE B 269 13.77 -2.73 -11.05
N ALA B 270 14.01 -1.43 -10.88
CA ALA B 270 15.22 -0.98 -10.20
C ALA B 270 15.17 -1.18 -8.71
N MET B 271 13.99 -1.43 -8.13
CA MET B 271 13.95 -1.81 -6.74
C MET B 271 14.38 -3.26 -6.55
N SER B 272 14.13 -4.10 -7.55
CA SER B 272 14.58 -5.48 -7.48
C SER B 272 16.09 -5.57 -7.64
N GLN B 273 16.67 -4.73 -8.51
CA GLN B 273 18.12 -4.68 -8.61
C GLN B 273 18.73 -4.02 -7.37
N TYR B 274 17.98 -3.17 -6.69
CA TYR B 274 18.43 -2.61 -5.44
C TYR B 274 18.34 -3.68 -4.37
N SER B 275 19.39 -4.51 -4.26
CA SER B 275 19.34 -5.69 -3.42
C SER B 275 19.45 -5.39 -1.93
N GLN B 276 19.70 -4.14 -1.55
CA GLN B 276 19.63 -3.77 -0.14
C GLN B 276 18.20 -3.81 0.38
N ALA B 277 17.22 -3.67 -0.51
CA ALA B 277 15.82 -3.89 -0.21
C ALA B 277 15.41 -5.23 -0.80
N GLY B 278 14.83 -6.09 0.03
CA GLY B 278 14.50 -7.44 -0.39
C GLY B 278 13.29 -7.52 -1.30
N PHE B 279 13.44 -7.04 -2.52
CA PHE B 279 12.37 -7.00 -3.51
C PHE B 279 12.66 -8.05 -4.58
N SER B 280 11.92 -9.15 -4.56
CA SER B 280 12.19 -10.25 -5.48
C SER B 280 11.28 -10.17 -6.70
N ARG B 281 11.60 -11.01 -7.69
CA ARG B 281 10.86 -11.00 -8.94
C ARG B 281 9.45 -11.55 -8.83
N GLU B 282 9.11 -12.21 -7.73
CA GLU B 282 7.72 -12.54 -7.50
C GLU B 282 6.99 -11.37 -6.87
N ASP B 283 7.70 -10.60 -6.05
CA ASP B 283 7.11 -9.40 -5.47
C ASP B 283 6.94 -8.30 -6.51
N ARG B 284 7.83 -8.26 -7.49
CA ARG B 284 7.69 -7.25 -8.54
C ARG B 284 6.50 -7.56 -9.44
N LEU B 285 6.31 -8.82 -9.76
CA LEU B 285 5.25 -9.20 -10.68
C LEU B 285 3.87 -9.08 -10.06
N GLU B 286 3.75 -9.10 -8.74
CA GLU B 286 2.44 -8.90 -8.16
C GLU B 286 2.03 -7.44 -8.13
N GLN B 287 2.99 -6.52 -8.16
CA GLN B 287 2.66 -5.11 -8.16
C GLN B 287 2.46 -4.58 -9.56
N ALA B 288 3.22 -5.09 -10.53
CA ALA B 288 3.10 -4.61 -11.90
C ALA B 288 1.76 -5.01 -12.51
N LYS B 289 1.17 -6.12 -12.07
CA LYS B 289 -0.19 -6.41 -12.47
C LYS B 289 -1.16 -5.49 -11.76
N LEU B 290 -0.87 -5.13 -10.52
CA LEU B 290 -1.74 -4.23 -9.78
C LEU B 290 -1.63 -2.81 -10.31
N PHE B 291 -0.45 -2.44 -10.81
CA PHE B 291 -0.25 -1.10 -11.36
C PHE B 291 -1.07 -0.89 -12.62
N CYS B 292 -1.24 -1.91 -13.44
CA CYS B 292 -2.02 -1.74 -14.65
C CYS B 292 -3.51 -1.72 -14.37
N ARG B 293 -3.96 -2.42 -13.34
CA ARG B 293 -5.38 -2.39 -13.03
C ARG B 293 -5.78 -1.04 -12.44
N THR B 294 -4.92 -0.47 -11.60
CA THR B 294 -5.18 0.84 -11.03
C THR B 294 -5.11 1.93 -12.08
N LEU B 295 -4.10 1.87 -12.95
CA LEU B 295 -3.99 2.89 -13.99
C LEU B 295 -5.07 2.75 -15.05
N GLU B 296 -5.63 1.55 -15.23
CA GLU B 296 -6.81 1.44 -16.09
C GLU B 296 -8.02 2.07 -15.44
N ASP B 297 -8.07 2.06 -14.10
CA ASP B 297 -9.21 2.63 -13.40
C ASP B 297 -9.20 4.15 -13.50
N ILE B 298 -8.01 4.77 -13.37
CA ILE B 298 -7.91 6.22 -13.33
C ILE B 298 -8.28 6.81 -14.68
N LEU B 299 -7.84 6.17 -15.75
CA LEU B 299 -8.16 6.66 -17.09
C LEU B 299 -9.57 6.33 -17.54
N ALA B 300 -10.34 5.59 -16.73
CA ALA B 300 -11.76 5.42 -17.02
C ALA B 300 -12.53 6.70 -16.72
N ASP B 301 -12.31 7.28 -15.55
CA ASP B 301 -13.07 8.45 -15.09
C ASP B 301 -12.22 9.71 -15.04
N ALA B 302 -11.32 9.89 -16.00
CA ALA B 302 -10.51 11.09 -16.07
C ALA B 302 -11.12 12.03 -17.10
N PRO B 303 -11.03 13.35 -16.91
CA PRO B 303 -11.59 14.26 -17.92
C PRO B 303 -10.77 14.32 -19.19
N GLU B 304 -9.48 14.00 -19.12
CA GLU B 304 -8.59 14.28 -20.23
C GLU B 304 -8.35 13.03 -21.08
N SER B 305 -8.40 11.86 -20.46
CA SER B 305 -8.06 10.61 -21.14
C SER B 305 -9.28 9.85 -21.60
N GLN B 306 -10.33 10.54 -22.02
CA GLN B 306 -11.54 9.84 -22.44
C GLN B 306 -11.34 9.20 -23.81
N ASN B 307 -10.48 9.79 -24.63
CA ASN B 307 -10.11 9.20 -25.90
C ASN B 307 -8.65 9.38 -26.26
N ASN B 308 -7.77 9.69 -25.30
CA ASN B 308 -6.39 10.01 -25.65
C ASN B 308 -5.44 8.89 -25.28
N CYS B 309 -5.58 8.35 -24.08
CA CYS B 309 -4.66 7.31 -23.66
C CYS B 309 -5.20 5.94 -24.02
N ARG B 310 -4.27 5.00 -24.26
CA ARG B 310 -4.66 3.64 -24.60
C ARG B 310 -3.51 2.71 -24.19
N LEU B 311 -3.69 2.01 -23.09
CA LEU B 311 -2.64 1.18 -22.54
C LEU B 311 -2.54 -0.13 -23.31
N ILE B 312 -1.32 -0.54 -23.63
CA ILE B 312 -1.06 -1.80 -24.33
C ILE B 312 -0.16 -2.62 -23.44
N ALA B 313 -0.74 -3.48 -22.61
CA ALA B 313 0.03 -4.33 -21.73
C ALA B 313 0.42 -5.61 -22.45
N TYR B 314 1.59 -6.15 -22.09
CA TYR B 314 2.03 -7.40 -22.69
C TYR B 314 3.02 -8.08 -21.76
N GLN B 315 3.13 -9.39 -21.91
CA GLN B 315 4.20 -10.16 -21.29
C GLN B 315 4.60 -11.25 -22.28
N GLU B 316 5.76 -11.11 -22.86
CA GLU B 316 6.20 -12.08 -23.84
C GLU B 316 7.18 -13.05 -23.22
N PRO B 317 7.02 -14.36 -23.43
CA PRO B 317 7.84 -15.41 -22.80
C PRO B 317 9.33 -15.33 -23.15
N SER B 321 8.23 -19.03 -27.84
CA SER B 321 7.27 -18.47 -28.79
C SER B 321 7.00 -17.00 -28.49
N SER B 322 8.08 -16.23 -28.31
CA SER B 322 7.95 -14.80 -28.01
C SER B 322 7.52 -14.07 -29.28
N PHE B 323 6.28 -13.60 -29.31
CA PHE B 323 5.70 -12.98 -30.48
C PHE B 323 6.12 -11.51 -30.58
N SER B 324 5.66 -10.85 -31.63
CA SER B 324 6.05 -9.47 -31.91
C SER B 324 4.99 -8.52 -31.37
N LEU B 325 5.42 -7.59 -30.52
CA LEU B 325 4.53 -6.57 -29.98
C LEU B 325 4.15 -5.53 -31.03
N SER B 326 4.86 -5.47 -32.16
CA SER B 326 4.47 -4.57 -33.22
C SER B 326 3.14 -4.98 -33.85
N GLN B 327 2.79 -6.26 -33.76
CA GLN B 327 1.51 -6.70 -34.27
C GLN B 327 0.37 -6.23 -33.36
N GLU B 328 0.53 -6.41 -32.05
CA GLU B 328 -0.57 -6.09 -31.13
C GLU B 328 -0.79 -4.60 -30.99
N VAL B 329 0.22 -3.78 -31.27
CA VAL B 329 -0.01 -2.35 -31.40
C VAL B 329 -0.85 -2.07 -32.64
N LEU B 330 -0.56 -2.78 -33.73
CA LEU B 330 -1.32 -2.59 -34.95
C LEU B 330 -2.74 -3.12 -34.84
N ARG B 331 -2.96 -4.12 -33.97
CA ARG B 331 -4.32 -4.51 -33.65
C ARG B 331 -5.04 -3.40 -32.89
N HIS B 332 -4.35 -2.75 -31.96
CA HIS B 332 -4.93 -1.61 -31.27
C HIS B 332 -4.99 -0.39 -32.16
N LEU B 333 -4.22 -0.37 -33.25
CA LEU B 333 -4.27 0.79 -34.14
C LEU B 333 -5.43 0.68 -35.12
N ARG B 334 -5.63 -0.48 -35.71
CA ARG B 334 -6.71 -0.64 -36.68
C ARG B 334 -8.07 -0.73 -36.00
N GLN B 335 -8.12 -1.02 -34.70
CA GLN B 335 -9.38 -0.98 -33.98
C GLN B 335 -9.84 0.44 -33.67
N GLU B 336 -8.98 1.44 -33.88
CA GLU B 336 -9.37 2.82 -33.66
C GLU B 336 -10.33 3.30 -34.74
N GLU B 337 -10.10 2.90 -35.98
CA GLU B 337 -10.96 3.32 -37.09
C GLU B 337 -11.03 2.24 -38.16
#